data_9EJW
#
_entry.id   9EJW
#
_cell.length_a   34.839
_cell.length_b   105.768
_cell.length_c   112.997
_cell.angle_alpha   90.00
_cell.angle_beta   90.00
_cell.angle_gamma   90.00
#
_symmetry.space_group_name_H-M   'P 21 21 21'
#
loop_
_entity.id
_entity.type
_entity.pdbx_description
1 polymer 'CD44 antigen'
2 polymer 'M11 protein'
3 branched beta-D-galactopyranose-(1-3)-2-acetamido-2-deoxy-alpha-D-galactopyranose
4 branched alpha-D-mannopyranose-(1-2)-alpha-D-mannopyranose-(1-3)-[alpha-D-mannopyranose-(1-3)-alpha-D-mannopyranose-(1-6)]beta-D-mannopyranose-(1-4)-2-acetamido-2-deoxy-beta-D-glucopyranose-(1-4)-2-acetamido-2-deoxy-beta-D-glucopyranose
5 branched 2-acetamido-2-deoxy-beta-D-glucopyranose-(1-4)-2-acetamido-2-deoxy-beta-D-glucopyranose
6 non-polymer 'SULFATE ION'
7 non-polymer 2-acetamido-2-deoxy-beta-D-glucopyranose
8 non-polymer CYSTEINE
9 water water
#
loop_
_entity_poly.entity_id
_entity_poly.type
_entity_poly.pdbx_seq_one_letter_code
_entity_poly.pdbx_strand_id
1 'polypeptide(L)'
;MNQIDLNVTCRYAGVFHVEKNGRYSISRTEAADLCQAFNSTLPTMDQMKLALSKGFETCRYGFIEGNVVIPRIHPNAICA
ANHTGVYILVTSNTSHYDTYCFNASAPPEEDCTSVTDLPNSFDGPVTITIVNRDGTRYSKKGEYRTHQEDIDAS
;
A
2 'polypeptide(L)'
;LEAARAPAPKTNNCTKFSYPGVSPGYCTERRDMKLITKFKNGTKVFSCPLLTDICVNARMSGVWCVNNSAIGSLFFTSTS
HTPPMFHGFTPTHHRRLSGLWVDYQTGYLYVYPNATKKPEKEIYCTLTICITAITTRRPTSHHHHHH
;
B
#
loop_
_chem_comp.id
_chem_comp.type
_chem_comp.name
_chem_comp.formula
A2G D-saccharide, alpha linking 2-acetamido-2-deoxy-alpha-D-galactopyranose 'C8 H15 N O6'
BMA D-saccharide, beta linking beta-D-mannopyranose 'C6 H12 O6'
GAL D-saccharide, beta linking beta-D-galactopyranose 'C6 H12 O6'
MAN D-saccharide, alpha linking alpha-D-mannopyranose 'C6 H12 O6'
NAG D-saccharide, beta linking 2-acetamido-2-deoxy-beta-D-glucopyranose 'C8 H15 N O6'
SO4 non-polymer 'SULFATE ION' 'O4 S -2'
#
# COMPACT_ATOMS: atom_id res chain seq x y z
N ASN A 2 22.40 9.22 13.06
CA ASN A 2 21.19 8.75 12.39
C ASN A 2 21.25 7.25 12.15
N GLN A 3 20.08 6.62 12.11
CA GLN A 3 19.95 5.19 11.88
C GLN A 3 18.97 4.93 10.75
N ILE A 4 19.29 3.97 9.91
CA ILE A 4 18.40 3.49 8.85
C ILE A 4 18.26 1.99 9.03
N ASP A 5 17.02 1.51 9.13
CA ASP A 5 16.74 0.07 9.23
C ASP A 5 16.10 -0.39 7.92
N LEU A 6 16.59 -1.51 7.40
CA LEU A 6 16.17 -2.04 6.10
C LEU A 6 15.70 -3.48 6.30
N ASN A 7 14.39 -3.71 6.19
CA ASN A 7 13.84 -5.05 6.29
C ASN A 7 13.81 -5.68 4.91
N VAL A 8 14.42 -6.84 4.75
CA VAL A 8 14.59 -7.48 3.45
C VAL A 8 13.94 -8.85 3.44
N THR A 9 13.25 -9.18 2.35
CA THR A 9 12.64 -10.49 2.18
C THR A 9 13.63 -11.46 1.58
N CYS A 10 13.21 -12.73 1.50
CA CYS A 10 13.87 -13.69 0.63
C CYS A 10 13.85 -13.19 -0.82
N ARG A 11 14.72 -13.77 -1.63
CA ARG A 11 14.80 -13.45 -3.04
C ARG A 11 14.09 -14.54 -3.84
N TYR A 12 13.37 -14.12 -4.88
CA TYR A 12 12.61 -15.02 -5.75
C TYR A 12 13.00 -14.66 -7.17
N ALA A 13 13.67 -15.58 -7.86
CA ALA A 13 14.28 -15.25 -9.15
C ALA A 13 15.05 -13.93 -9.05
N GLY A 14 15.72 -13.72 -7.92
CA GLY A 14 16.56 -12.56 -7.72
C GLY A 14 15.86 -11.33 -7.19
N VAL A 15 14.52 -11.31 -7.14
CA VAL A 15 13.78 -10.12 -6.72
C VAL A 15 13.48 -10.20 -5.23
N PHE A 16 13.66 -9.07 -4.55
CA PHE A 16 13.36 -8.96 -3.13
C PHE A 16 12.75 -7.60 -2.84
N HIS A 17 12.10 -7.53 -1.68
CA HIS A 17 11.43 -6.33 -1.20
C HIS A 17 12.20 -5.73 -0.03
N VAL A 18 12.35 -4.40 -0.03
CA VAL A 18 13.05 -3.67 1.03
C VAL A 18 12.12 -2.60 1.58
N GLU A 19 11.90 -2.63 2.88
CA GLU A 19 11.13 -1.60 3.59
C GLU A 19 12.09 -0.85 4.51
N LYS A 20 12.06 0.47 4.44
CA LYS A 20 12.95 1.33 5.22
C LYS A 20 12.20 1.92 6.42
N ASN A 21 12.78 1.75 7.60
CA ASN A 21 12.31 2.42 8.83
C ASN A 21 10.84 2.12 9.17
N GLY A 22 10.34 0.95 8.77
CA GLY A 22 9.03 0.51 9.21
C GLY A 22 7.85 1.26 8.63
N ARG A 23 8.04 2.04 7.57
CA ARG A 23 6.96 2.82 6.98
C ARG A 23 7.36 3.14 5.55
N TYR A 24 6.37 3.56 4.75
CA TYR A 24 6.67 4.00 3.39
C TYR A 24 7.56 5.23 3.46
N SER A 25 8.84 5.10 3.07
CA SER A 25 9.78 6.19 3.30
C SER A 25 10.86 6.32 2.24
N ILE A 26 10.75 5.63 1.11
CA ILE A 26 11.78 5.61 0.09
C ILE A 26 11.28 6.41 -1.12
N SER A 27 12.07 7.40 -1.53
CA SER A 27 11.78 8.15 -2.73
C SER A 27 12.24 7.38 -3.96
N ARG A 28 11.76 7.83 -5.13
CA ARG A 28 12.19 7.25 -6.38
C ARG A 28 13.72 7.26 -6.53
N THR A 29 14.36 8.38 -6.23
CA THR A 29 15.83 8.43 -6.39
C THR A 29 16.53 7.57 -5.35
N GLU A 30 16.00 7.54 -4.12
CA GLU A 30 16.63 6.73 -3.09
C GLU A 30 16.48 5.24 -3.40
N ALA A 31 15.36 4.85 -4.01
CA ALA A 31 15.14 3.43 -4.32
C ALA A 31 16.24 2.86 -5.19
N ALA A 32 16.59 3.56 -6.28
CA ALA A 32 17.65 3.05 -7.16
C ALA A 32 18.99 2.99 -6.44
N ASP A 33 19.28 4.00 -5.61
CA ASP A 33 20.53 4.00 -4.86
C ASP A 33 20.58 2.87 -3.85
N LEU A 34 19.43 2.56 -3.23
CA LEU A 34 19.37 1.46 -2.28
C LEU A 34 19.63 0.13 -2.96
N CYS A 35 18.97 -0.14 -4.08
CA CYS A 35 19.25 -1.38 -4.80
C CYS A 35 20.72 -1.48 -5.19
N GLN A 36 21.30 -0.38 -5.67
CA GLN A 36 22.69 -0.43 -6.09
CA GLN A 36 22.70 -0.38 -6.07
C GLN A 36 23.62 -0.69 -4.91
N ALA A 37 23.28 -0.21 -3.72
CA ALA A 37 24.08 -0.54 -2.53
C ALA A 37 24.03 -2.04 -2.22
N PHE A 38 22.92 -2.71 -2.58
CA PHE A 38 22.79 -4.16 -2.47
C PHE A 38 23.37 -4.89 -3.68
N ASN A 39 24.16 -4.21 -4.51
CA ASN A 39 24.67 -4.76 -5.76
C ASN A 39 23.52 -5.28 -6.63
N SER A 40 22.43 -4.52 -6.66
CA SER A 40 21.20 -4.93 -7.32
C SER A 40 20.68 -3.75 -8.13
N THR A 41 19.57 -3.96 -8.84
CA THR A 41 18.95 -2.92 -9.66
C THR A 41 17.44 -2.95 -9.49
N LEU A 42 16.80 -1.85 -9.84
CA LEU A 42 15.33 -1.83 -9.86
C LEU A 42 14.86 -2.88 -10.86
N PRO A 43 13.93 -3.77 -10.47
CA PRO A 43 13.49 -4.83 -11.40
C PRO A 43 12.77 -4.27 -12.61
N THR A 44 12.90 -4.99 -13.73
CA THR A 44 11.97 -4.77 -14.82
C THR A 44 10.64 -5.48 -14.50
N MET A 45 9.60 -5.11 -15.24
CA MET A 45 8.32 -5.78 -15.05
C MET A 45 8.44 -7.27 -15.34
N ASP A 46 9.21 -7.65 -16.37
CA ASP A 46 9.41 -9.06 -16.66
C ASP A 46 10.07 -9.79 -15.48
N GLN A 47 11.04 -9.14 -14.84
CA GLN A 47 11.69 -9.75 -13.69
C GLN A 47 10.72 -9.92 -12.53
N MET A 48 9.84 -8.93 -12.34
CA MET A 48 8.81 -9.02 -11.30
CA MET A 48 8.83 -9.02 -11.29
C MET A 48 7.86 -10.16 -11.57
N LYS A 49 7.43 -10.30 -12.82
CA LYS A 49 6.49 -11.37 -13.15
C LYS A 49 7.11 -12.75 -12.96
N LEU A 50 8.40 -12.90 -13.30
CA LEU A 50 9.07 -14.18 -13.03
C LEU A 50 9.16 -14.45 -11.54
N ALA A 51 9.48 -13.42 -10.75
CA ALA A 51 9.52 -13.59 -9.30
C ALA A 51 8.17 -14.04 -8.76
N LEU A 52 7.09 -13.42 -9.24
CA LEU A 52 5.75 -13.81 -8.81
C LEU A 52 5.50 -15.28 -9.12
N SER A 53 5.91 -15.73 -10.30
CA SER A 53 5.70 -17.13 -10.65
C SER A 53 6.50 -18.08 -9.78
N LYS A 54 7.54 -17.60 -9.11
CA LYS A 54 8.36 -18.40 -8.22
C LYS A 54 7.95 -18.31 -6.75
N GLY A 55 6.90 -17.57 -6.42
CA GLY A 55 6.42 -17.49 -5.06
C GLY A 55 6.46 -16.11 -4.41
N PHE A 56 6.82 -15.05 -5.12
CA PHE A 56 6.96 -13.72 -4.54
C PHE A 56 5.63 -12.96 -4.53
N GLU A 57 5.20 -12.52 -3.35
CA GLU A 57 4.13 -11.53 -3.22
C GLU A 57 4.39 -10.71 -1.97
N THR A 58 3.83 -9.49 -1.95
CA THR A 58 3.84 -8.65 -0.77
C THR A 58 2.49 -7.95 -0.67
N CYS A 59 2.27 -7.27 0.44
CA CYS A 59 1.12 -6.38 0.58
C CYS A 59 1.56 -4.91 0.59
N ARG A 60 2.62 -4.59 -0.15
CA ARG A 60 3.21 -3.26 -0.12
C ARG A 60 3.51 -2.75 -1.51
N TYR A 61 3.35 -1.43 -1.69
CA TYR A 61 3.78 -0.77 -2.92
C TYR A 61 5.28 -0.54 -2.88
N GLY A 62 5.93 -0.76 -4.02
CA GLY A 62 7.35 -0.46 -4.12
C GLY A 62 7.78 -0.17 -5.52
N PHE A 63 8.88 0.58 -5.63
CA PHE A 63 9.42 0.94 -6.94
C PHE A 63 9.99 -0.25 -7.69
N ILE A 64 9.71 -0.27 -8.99
CA ILE A 64 10.47 -1.01 -9.98
C ILE A 64 10.93 -0.02 -11.04
N GLU A 65 11.56 -0.52 -12.08
CA GLU A 65 11.92 0.34 -13.20
CA GLU A 65 11.92 0.35 -13.18
C GLU A 65 10.65 0.90 -13.83
N GLY A 66 10.48 2.22 -13.75
CA GLY A 66 9.41 2.90 -14.44
C GLY A 66 8.05 2.91 -13.78
N ASN A 67 7.90 2.33 -12.58
CA ASN A 67 6.57 2.30 -11.96
C ASN A 67 6.69 1.94 -10.48
N VAL A 68 5.59 2.16 -9.76
CA VAL A 68 5.38 1.65 -8.41
C VAL A 68 4.35 0.54 -8.53
N VAL A 69 4.61 -0.62 -7.93
CA VAL A 69 3.79 -1.81 -8.14
C VAL A 69 3.57 -2.59 -6.84
N ILE A 70 2.63 -3.52 -6.91
CA ILE A 70 2.37 -4.49 -5.84
C ILE A 70 2.18 -5.87 -6.48
N PRO A 71 2.97 -6.89 -6.08
CA PRO A 71 2.82 -8.23 -6.67
C PRO A 71 1.96 -9.14 -5.80
N ARG A 72 0.97 -9.81 -6.40
CA ARG A 72 0.03 -10.63 -5.67
C ARG A 72 -0.11 -12.02 -6.29
N ILE A 73 -0.02 -13.05 -5.46
CA ILE A 73 -0.29 -14.43 -5.88
C ILE A 73 -1.66 -14.89 -5.40
N HIS A 74 -1.96 -14.65 -4.12
CA HIS A 74 -3.21 -15.07 -3.49
C HIS A 74 -4.11 -13.87 -3.27
N PRO A 75 -5.40 -13.98 -3.58
CA PRO A 75 -6.29 -12.83 -3.37
C PRO A 75 -6.45 -12.51 -1.90
N ASN A 76 -6.22 -11.24 -1.55
CA ASN A 76 -6.42 -10.72 -0.21
C ASN A 76 -7.11 -9.37 -0.36
N ALA A 77 -8.23 -9.18 0.34
CA ALA A 77 -9.06 -7.99 0.17
C ALA A 77 -8.35 -6.68 0.48
N ILE A 78 -7.25 -6.68 1.23
CA ILE A 78 -6.56 -5.43 1.54
C ILE A 78 -5.22 -5.29 0.82
N CYS A 79 -4.94 -6.16 -0.14
CA CYS A 79 -3.68 -6.10 -0.90
C CYS A 79 -4.07 -6.03 -2.37
N ALA A 80 -3.99 -4.85 -2.98
CA ALA A 80 -4.55 -4.62 -4.31
C ALA A 80 -6.00 -5.11 -4.40
N ALA A 81 -6.76 -4.90 -3.32
CA ALA A 81 -8.21 -5.13 -3.30
C ALA A 81 -8.63 -6.45 -3.95
N ASN A 82 -8.05 -7.56 -3.46
CA ASN A 82 -8.48 -8.90 -3.85
C ASN A 82 -8.11 -9.27 -5.29
N HIS A 83 -7.09 -8.63 -5.86
CA HIS A 83 -6.59 -8.98 -7.19
C HIS A 83 -5.33 -9.83 -7.10
N THR A 84 -5.04 -10.52 -8.20
CA THR A 84 -3.78 -11.23 -8.37
C THR A 84 -3.06 -10.69 -9.60
N GLY A 85 -1.75 -10.89 -9.62
CA GLY A 85 -0.91 -10.33 -10.65
C GLY A 85 -0.10 -9.17 -10.12
N VAL A 86 0.55 -8.45 -11.03
CA VAL A 86 1.28 -7.24 -10.68
C VAL A 86 0.38 -6.05 -11.01
N TYR A 87 -0.02 -5.30 -10.00
CA TYR A 87 -0.83 -4.11 -10.20
C TYR A 87 0.05 -2.86 -10.04
N ILE A 88 -0.23 -1.84 -10.83
CA ILE A 88 0.59 -0.62 -10.89
C ILE A 88 -0.16 0.49 -10.18
N LEU A 89 0.53 1.23 -9.31
CA LEU A 89 -0.11 2.32 -8.58
C LEU A 89 0.07 3.63 -9.32
N VAL A 90 -1.04 4.33 -9.58
CA VAL A 90 -0.99 5.67 -10.13
C VAL A 90 -0.67 6.62 -8.98
N THR A 91 0.43 7.35 -9.12
CA THR A 91 0.92 8.15 -8.00
C THR A 91 1.77 9.30 -8.51
N SER A 92 1.86 10.34 -7.68
CA SER A 92 2.81 11.41 -7.91
C SER A 92 4.24 10.87 -7.80
N ASN A 93 5.13 11.46 -8.60
CA ASN A 93 6.55 11.11 -8.54
C ASN A 93 7.22 11.53 -7.24
N THR A 94 6.57 12.34 -6.41
CA THR A 94 7.16 12.76 -5.14
C THR A 94 6.77 11.86 -3.97
N SER A 95 5.85 10.92 -4.16
CA SER A 95 5.42 10.08 -3.05
C SER A 95 6.46 9.01 -2.76
N HIS A 96 6.52 8.60 -1.50
CA HIS A 96 7.46 7.61 -1.01
C HIS A 96 6.77 6.28 -0.81
N TYR A 97 7.48 5.20 -1.13
CA TYR A 97 6.95 3.84 -0.96
C TYR A 97 8.08 2.98 -0.43
N ASP A 98 7.95 1.65 -0.59
CA ASP A 98 9.07 0.74 -0.40
C ASP A 98 9.81 0.62 -1.73
N THR A 99 10.75 -0.34 -1.82
CA THR A 99 11.35 -0.64 -3.12
C THR A 99 11.50 -2.13 -3.31
N TYR A 100 11.51 -2.54 -4.57
CA TYR A 100 11.93 -3.86 -5.00
C TYR A 100 13.31 -3.73 -5.64
N CYS A 101 14.08 -4.81 -5.59
CA CYS A 101 15.42 -4.86 -6.15
C CYS A 101 15.64 -6.23 -6.78
N PHE A 102 16.50 -6.27 -7.80
CA PHE A 102 16.83 -7.51 -8.50
C PHE A 102 18.33 -7.76 -8.40
N ASN A 103 18.71 -8.91 -7.88
CA ASN A 103 20.11 -9.31 -7.78
C ASN A 103 20.40 -10.37 -8.83
N ALA A 104 21.33 -10.05 -9.75
CA ALA A 104 21.59 -10.91 -10.90
C ALA A 104 22.33 -12.18 -10.52
N SER A 105 22.95 -12.25 -9.35
CA SER A 105 23.68 -13.44 -8.93
C SER A 105 22.87 -14.37 -8.04
N ALA A 106 21.60 -14.05 -7.78
CA ALA A 106 20.76 -14.88 -6.95
C ALA A 106 20.33 -16.14 -7.71
N PRO A 107 19.96 -17.19 -6.99
CA PRO A 107 19.49 -18.43 -7.65
C PRO A 107 18.17 -18.21 -8.36
N PRO A 108 17.76 -19.15 -9.21
CA PRO A 108 16.50 -18.96 -9.95
C PRO A 108 15.25 -19.12 -9.10
N GLU A 109 15.31 -19.83 -7.97
CA GLU A 109 14.13 -20.07 -7.16
C GLU A 109 14.09 -19.17 -5.94
N GLU A 110 13.62 -19.71 -4.81
CA GLU A 110 13.54 -18.96 -3.57
C GLU A 110 14.85 -19.10 -2.80
N ASP A 111 15.40 -17.96 -2.37
CA ASP A 111 16.63 -17.93 -1.59
C ASP A 111 16.37 -17.14 -0.31
N CYS A 112 16.28 -17.85 0.81
CA CYS A 112 15.99 -17.22 2.09
C CYS A 112 17.21 -17.11 3.00
N THR A 113 18.40 -17.30 2.46
CA THR A 113 19.60 -17.10 3.27
C THR A 113 19.67 -15.65 3.72
N SER A 114 20.35 -15.43 4.84
CA SER A 114 20.42 -14.09 5.39
C SER A 114 21.26 -13.18 4.50
N VAL A 115 20.83 -11.93 4.40
CA VAL A 115 21.61 -10.88 3.76
C VAL A 115 22.43 -10.21 4.84
N THR A 116 23.74 -10.14 4.63
CA THR A 116 24.67 -9.81 5.72
C THR A 116 25.46 -8.53 5.47
N ASP A 117 25.28 -7.87 4.33
CA ASP A 117 26.08 -6.70 4.02
C ASP A 117 25.39 -5.88 2.94
N LEU A 118 25.68 -4.58 2.93
CA LEU A 118 25.39 -3.71 1.79
C LEU A 118 26.73 -3.54 1.08
N PRO A 119 27.02 -4.37 0.08
CA PRO A 119 28.39 -4.38 -0.47
C PRO A 119 28.85 -3.08 -1.09
N ASN A 120 27.95 -2.26 -1.62
CA ASN A 120 28.32 -1.03 -2.29
C ASN A 120 27.91 0.21 -1.51
N SER A 121 27.76 0.09 -0.20
CA SER A 121 27.67 1.30 0.60
C SER A 121 29.01 2.03 0.58
N PHE A 122 28.96 3.33 0.89
CA PHE A 122 30.18 4.14 0.91
C PHE A 122 30.33 4.88 2.23
N ASP A 123 31.28 5.81 2.32
CA ASP A 123 31.55 6.43 3.60
C ASP A 123 30.43 7.38 4.01
N GLY A 124 30.12 7.37 5.30
CA GLY A 124 29.14 8.27 5.84
C GLY A 124 28.85 7.99 7.30
N PRO A 125 27.97 8.80 7.91
CA PRO A 125 27.76 8.73 9.37
C PRO A 125 26.57 7.87 9.81
N VAL A 126 25.83 7.27 8.88
CA VAL A 126 24.59 6.57 9.23
C VAL A 126 24.90 5.14 9.65
N THR A 127 24.26 4.71 10.74
CA THR A 127 24.28 3.29 11.08
C THR A 127 23.16 2.62 10.29
N ILE A 128 23.53 1.73 9.37
CA ILE A 128 22.58 1.07 8.46
C ILE A 128 22.48 -0.37 8.90
N THR A 129 21.25 -0.82 9.18
CA THR A 129 21.02 -2.16 9.71
C THR A 129 20.10 -2.92 8.77
N ILE A 130 20.57 -4.08 8.31
CA ILE A 130 19.78 -5.01 7.51
C ILE A 130 19.09 -5.95 8.47
N VAL A 131 17.77 -6.05 8.37
CA VAL A 131 16.95 -6.92 9.23
C VAL A 131 16.41 -8.06 8.37
N ASN A 132 16.76 -9.29 8.74
CA ASN A 132 16.37 -10.48 8.01
C ASN A 132 15.12 -11.12 8.58
N ARG A 133 14.49 -11.96 7.76
CA ARG A 133 13.26 -12.63 8.17
C ARG A 133 13.48 -13.53 9.38
N ASP A 134 14.70 -14.05 9.57
CA ASP A 134 14.97 -14.90 10.72
C ASP A 134 15.25 -14.12 12.00
N GLY A 135 15.20 -12.79 11.96
CA GLY A 135 15.45 -11.98 13.12
C GLY A 135 16.89 -11.50 13.27
N THR A 136 17.83 -12.06 12.52
N THR A 136 17.83 -12.06 12.52
CA THR A 136 19.21 -11.58 12.61
CA THR A 136 19.21 -11.58 12.61
C THR A 136 19.33 -10.21 11.93
C THR A 136 19.33 -10.21 11.93
N ARG A 137 20.21 -9.38 12.49
CA ARG A 137 20.42 -8.02 11.99
C ARG A 137 21.92 -7.78 11.79
N TYR A 138 22.25 -7.07 10.71
CA TYR A 138 23.64 -6.78 10.35
C TYR A 138 23.80 -5.29 10.14
N SER A 139 24.70 -4.67 10.92
CA SER A 139 24.83 -3.23 10.96
C SER A 139 26.23 -2.80 10.50
N LYS A 140 26.27 -1.64 9.83
CA LYS A 140 27.52 -1.02 9.43
C LYS A 140 27.30 0.49 9.38
N LYS A 141 28.39 1.24 9.45
CA LYS A 141 28.33 2.69 9.34
C LYS A 141 28.68 3.09 7.92
N GLY A 142 27.87 3.96 7.33
CA GLY A 142 28.17 4.42 5.99
C GLY A 142 27.04 5.26 5.42
N GLU A 143 26.89 5.17 4.09
CA GLU A 143 25.87 5.91 3.37
C GLU A 143 25.62 5.17 2.06
N TYR A 144 24.41 5.34 1.50
CA TYR A 144 24.11 4.85 0.17
C TYR A 144 23.37 5.86 -0.70
N ARG A 145 22.88 6.96 -0.13
CA ARG A 145 22.13 7.94 -0.88
C ARG A 145 23.08 8.86 -1.63
N THR A 146 22.91 8.95 -2.96
CA THR A 146 23.74 9.83 -3.78
C THR A 146 23.06 11.15 -4.10
N HIS A 147 21.79 11.33 -3.75
CA HIS A 147 21.07 12.58 -3.97
C HIS A 147 20.98 13.35 -2.67
N GLN A 148 21.60 14.53 -2.64
CA GLN A 148 21.57 15.34 -1.43
C GLN A 148 20.14 15.64 -0.98
N GLU A 149 19.20 15.76 -1.93
CA GLU A 149 17.81 16.03 -1.56
C GLU A 149 17.25 14.93 -0.66
N ASP A 150 17.62 13.67 -0.94
CA ASP A 150 17.15 12.58 -0.09
C ASP A 150 17.78 12.65 1.29
N ILE A 151 19.05 13.03 1.39
CA ILE A 151 19.71 13.16 2.69
C ILE A 151 19.10 14.32 3.48
N ASP A 152 18.85 15.46 2.81
CA ASP A 152 18.33 16.63 3.51
C ASP A 152 16.90 16.41 3.98
N ALA A 153 16.10 15.69 3.20
CA ALA A 153 14.71 15.42 3.58
C ALA A 153 14.60 14.52 4.80
N SER A 154 15.71 14.01 5.31
CA SER A 154 15.75 13.12 6.47
C SER A 154 15.03 11.79 6.21
N ALA B 6 -31.47 5.20 9.98
CA ALA B 6 -30.02 5.02 9.99
C ALA B 6 -29.43 5.31 8.61
N PRO B 7 -28.31 6.02 8.57
CA PRO B 7 -27.73 6.40 7.27
C PRO B 7 -27.28 5.18 6.50
N ALA B 8 -27.51 5.24 5.19
CA ALA B 8 -27.15 4.17 4.28
C ALA B 8 -27.06 4.77 2.90
N PRO B 9 -26.24 4.21 2.01
CA PRO B 9 -26.06 4.83 0.69
C PRO B 9 -27.31 4.74 -0.18
N LYS B 10 -27.58 5.82 -0.90
CA LYS B 10 -28.58 5.80 -1.96
C LYS B 10 -27.83 5.56 -3.27
N THR B 11 -28.19 4.49 -3.96
CA THR B 11 -27.48 4.09 -5.16
C THR B 11 -27.73 5.10 -6.27
N ASN B 12 -26.65 5.62 -6.85
CA ASN B 12 -26.76 6.54 -7.96
C ASN B 12 -26.89 5.78 -9.27
N ASN B 13 -27.42 6.47 -10.27
CA ASN B 13 -27.36 5.94 -11.62
C ASN B 13 -25.90 5.86 -12.08
N CYS B 14 -25.59 4.83 -12.84
CA CYS B 14 -24.30 4.76 -13.51
C CYS B 14 -24.16 5.95 -14.46
N THR B 15 -23.21 6.82 -14.19
CA THR B 15 -22.93 8.02 -14.98
C THR B 15 -21.68 7.87 -15.84
N LYS B 16 -20.65 7.24 -15.30
CA LYS B 16 -19.38 7.03 -15.97
C LYS B 16 -19.09 5.53 -15.99
N PHE B 17 -18.37 5.10 -17.03
CA PHE B 17 -18.10 3.69 -17.23
C PHE B 17 -16.62 3.38 -17.29
N SER B 18 -15.81 4.34 -16.85
CA SER B 18 -14.39 4.16 -16.65
C SER B 18 -13.99 5.10 -15.53
N TYR B 19 -12.87 4.80 -14.90
CA TYR B 19 -12.38 5.61 -13.81
C TYR B 19 -11.38 6.61 -14.37
N PRO B 20 -11.62 7.92 -14.24
CA PRO B 20 -10.74 8.90 -14.92
C PRO B 20 -9.28 8.75 -14.51
N GLY B 21 -8.43 8.51 -15.51
CA GLY B 21 -7.00 8.46 -15.29
C GLY B 21 -6.45 7.15 -14.74
N VAL B 22 -7.27 6.12 -14.58
CA VAL B 22 -6.82 4.85 -14.04
C VAL B 22 -7.31 3.72 -14.93
N SER B 23 -6.37 3.02 -15.58
CA SER B 23 -6.62 1.96 -16.55
C SER B 23 -6.70 0.58 -15.89
N PRO B 24 -7.26 -0.41 -16.56
CA PRO B 24 -7.21 -1.78 -16.05
C PRO B 24 -5.77 -2.19 -15.76
N GLY B 25 -5.58 -2.88 -14.62
CA GLY B 25 -4.25 -3.24 -14.14
C GLY B 25 -3.62 -2.21 -13.24
N TYR B 26 -4.31 -1.11 -12.95
CA TYR B 26 -3.79 -0.03 -12.14
C TYR B 26 -4.69 0.21 -10.94
N CYS B 27 -4.10 0.75 -9.88
CA CYS B 27 -4.82 1.18 -8.69
C CYS B 27 -4.51 2.64 -8.39
N THR B 28 -5.37 3.24 -7.58
CA THR B 28 -5.08 4.56 -7.03
C THR B 28 -5.62 4.64 -5.62
N GLU B 29 -4.98 5.47 -4.79
CA GLU B 29 -5.32 5.58 -3.38
C GLU B 29 -5.70 7.02 -3.03
N ARG B 30 -6.63 7.15 -2.09
CA ARG B 30 -7.04 8.44 -1.56
C ARG B 30 -7.19 8.32 -0.06
N ARG B 31 -6.79 9.35 0.67
CA ARG B 31 -6.93 9.38 2.13
C ARG B 31 -7.84 10.55 2.48
N ASP B 32 -9.08 10.25 2.84
CA ASP B 32 -10.08 11.29 3.09
C ASP B 32 -11.29 10.61 3.71
N MET B 33 -12.29 11.41 4.07
CA MET B 33 -13.58 10.87 4.49
C MET B 33 -14.64 11.94 4.28
N LYS B 34 -15.88 11.49 4.16
CA LYS B 34 -17.03 12.35 3.88
C LYS B 34 -17.98 12.30 5.07
N LEU B 35 -18.46 13.47 5.50
CA LEU B 35 -19.47 13.52 6.55
C LEU B 35 -20.83 13.18 5.94
N ILE B 36 -21.37 12.01 6.29
CA ILE B 36 -22.64 11.57 5.75
C ILE B 36 -23.80 12.26 6.47
N THR B 37 -23.77 12.27 7.80
CA THR B 37 -24.81 12.95 8.55
C THR B 37 -24.27 13.35 9.90
N LYS B 38 -24.97 14.28 10.53
CA LYS B 38 -24.72 14.63 11.92
C LYS B 38 -26.07 14.64 12.63
N PHE B 39 -26.11 14.07 13.83
CA PHE B 39 -27.34 13.96 14.59
C PHE B 39 -27.45 15.11 15.59
N LYS B 40 -28.68 15.31 16.08
CA LYS B 40 -28.95 16.34 17.09
C LYS B 40 -28.12 16.13 18.35
N ASN B 41 -27.71 14.89 18.64
CA ASN B 41 -26.92 14.63 19.84
C ASN B 41 -25.44 14.97 19.68
N GLY B 42 -25.00 15.39 18.48
CA GLY B 42 -23.62 15.73 18.26
C GLY B 42 -22.79 14.64 17.60
N THR B 43 -23.30 13.42 17.54
CA THR B 43 -22.58 12.33 16.87
C THR B 43 -22.51 12.58 15.37
N LYS B 44 -21.35 12.31 14.80
CA LYS B 44 -21.08 12.44 13.37
C LYS B 44 -20.88 11.05 12.75
N VAL B 45 -21.30 10.91 11.50
CA VAL B 45 -21.18 9.65 10.75
C VAL B 45 -20.38 9.93 9.49
N PHE B 46 -19.28 9.20 9.29
CA PHE B 46 -18.37 9.43 8.17
C PHE B 46 -18.28 8.18 7.29
N SER B 47 -17.97 8.42 6.01
CA SER B 47 -17.79 7.36 5.03
CA SER B 47 -17.77 7.34 5.06
C SER B 47 -16.45 7.48 4.33
N CYS B 48 -15.95 6.34 3.82
CA CYS B 48 -14.84 6.38 2.91
C CYS B 48 -15.24 7.21 1.69
N PRO B 49 -14.26 7.85 1.01
CA PRO B 49 -14.55 8.84 -0.05
C PRO B 49 -14.82 8.22 -1.42
N LEU B 50 -15.86 7.40 -1.48
CA LEU B 50 -16.19 6.69 -2.72
C LEU B 50 -16.68 7.65 -3.80
N LEU B 51 -16.32 7.36 -5.05
CA LEU B 51 -16.93 8.02 -6.20
C LEU B 51 -18.12 7.15 -6.62
N THR B 52 -19.32 7.62 -6.32
CA THR B 52 -20.49 6.77 -6.22
C THR B 52 -21.26 6.63 -7.53
N ASP B 53 -20.78 7.19 -8.63
CA ASP B 53 -21.50 7.11 -9.90
C ASP B 53 -20.66 6.47 -11.01
N ILE B 54 -19.57 5.79 -10.66
CA ILE B 54 -18.68 5.16 -11.62
C ILE B 54 -18.98 3.67 -11.67
N CYS B 55 -19.42 3.20 -12.82
CA CYS B 55 -19.71 1.79 -13.05
C CYS B 55 -18.63 1.19 -13.94
N VAL B 56 -17.55 0.76 -13.31
CA VAL B 56 -16.42 0.12 -13.97
C VAL B 56 -16.12 -1.14 -13.18
N ASN B 57 -15.57 -2.15 -13.83
CA ASN B 57 -15.20 -3.37 -13.12
C ASN B 57 -13.98 -3.08 -12.25
N ALA B 58 -14.19 -3.04 -10.94
CA ALA B 58 -13.15 -2.67 -10.00
C ALA B 58 -13.44 -3.31 -8.66
N ARG B 59 -12.40 -3.41 -7.84
CA ARG B 59 -12.53 -3.79 -6.44
C ARG B 59 -11.82 -2.74 -5.60
N MET B 60 -12.29 -2.56 -4.36
CA MET B 60 -11.75 -1.50 -3.52
CA MET B 60 -11.75 -1.50 -3.52
C MET B 60 -11.58 -1.98 -2.09
N SER B 61 -10.57 -1.45 -1.43
CA SER B 61 -10.42 -1.60 0.01
C SER B 61 -10.52 -0.22 0.66
N GLY B 62 -11.16 -0.17 1.82
CA GLY B 62 -11.05 0.97 2.70
C GLY B 62 -10.41 0.53 4.00
N VAL B 63 -9.65 1.42 4.60
CA VAL B 63 -9.09 1.17 5.93
C VAL B 63 -9.39 2.39 6.77
N TRP B 64 -10.09 2.18 7.88
CA TRP B 64 -10.34 3.28 8.82
C TRP B 64 -9.07 3.52 9.64
N CYS B 65 -8.55 4.75 9.54
CA CYS B 65 -7.28 5.12 10.15
CA CYS B 65 -7.29 5.11 10.15
C CYS B 65 -7.54 6.13 11.25
N VAL B 66 -7.22 5.76 12.49
CA VAL B 66 -7.40 6.63 13.65
C VAL B 66 -6.01 6.89 14.20
N ASN B 67 -5.55 8.15 14.10
CA ASN B 67 -4.21 8.53 14.55
C ASN B 67 -3.14 7.63 13.91
N ASN B 68 -3.28 7.40 12.61
CA ASN B 68 -2.34 6.62 11.80
CA ASN B 68 -2.34 6.62 11.81
C ASN B 68 -2.26 5.15 12.23
N SER B 69 -3.32 4.63 12.87
CA SER B 69 -3.40 3.22 13.20
CA SER B 69 -3.41 3.22 13.21
C SER B 69 -4.71 2.67 12.67
N ALA B 70 -4.64 1.52 12.01
CA ALA B 70 -5.83 0.94 11.39
C ALA B 70 -6.74 0.34 12.45
N ILE B 71 -8.04 0.61 12.35
CA ILE B 71 -9.02 -0.06 13.21
C ILE B 71 -9.79 -1.16 12.48
N GLY B 72 -9.68 -1.25 11.17
CA GLY B 72 -10.38 -2.28 10.44
C GLY B 72 -10.49 -1.91 8.98
N SER B 73 -10.97 -2.87 8.19
CA SER B 73 -10.97 -2.72 6.74
C SER B 73 -12.33 -3.04 6.12
N LEU B 74 -12.58 -2.40 4.99
CA LEU B 74 -13.82 -2.51 4.24
C LEU B 74 -13.50 -3.04 2.85
N PHE B 75 -14.40 -3.84 2.29
CA PHE B 75 -14.25 -4.31 0.91
C PHE B 75 -15.46 -3.87 0.09
N PHE B 76 -15.20 -3.39 -1.13
CA PHE B 76 -16.23 -2.99 -2.08
C PHE B 76 -15.94 -3.56 -3.47
N THR B 77 -16.98 -3.69 -4.30
CA THR B 77 -16.79 -3.91 -5.73
C THR B 77 -17.70 -2.99 -6.51
N SER B 78 -17.33 -2.74 -7.78
CA SER B 78 -18.22 -2.11 -8.74
C SER B 78 -18.11 -2.89 -10.04
N THR B 79 -19.11 -2.70 -10.92
CA THR B 79 -19.11 -3.34 -12.24
C THR B 79 -19.65 -2.35 -13.27
N SER B 80 -19.70 -2.79 -14.53
CA SER B 80 -20.33 -2.01 -15.59
C SER B 80 -21.82 -1.80 -15.36
N HIS B 81 -22.41 -2.51 -14.40
CA HIS B 81 -23.83 -2.48 -14.13
C HIS B 81 -24.19 -1.83 -12.80
N THR B 82 -23.24 -1.66 -11.88
CA THR B 82 -23.58 -1.12 -10.58
CA THR B 82 -23.57 -1.19 -10.53
C THR B 82 -22.43 -0.32 -9.99
N PRO B 83 -22.74 0.77 -9.30
CA PRO B 83 -21.69 1.59 -8.67
C PRO B 83 -21.14 0.88 -7.44
N PRO B 84 -20.17 1.47 -6.74
CA PRO B 84 -19.53 0.77 -5.61
C PRO B 84 -20.51 0.23 -4.58
N MET B 85 -20.32 -1.04 -4.26
CA MET B 85 -21.19 -1.81 -3.36
CA MET B 85 -21.19 -1.78 -3.36
C MET B 85 -20.36 -2.28 -2.19
N PHE B 86 -20.86 -2.05 -0.96
CA PHE B 86 -20.15 -2.42 0.27
C PHE B 86 -20.36 -3.90 0.61
N HIS B 87 -19.27 -4.61 0.90
CA HIS B 87 -19.29 -6.05 1.18
C HIS B 87 -18.71 -6.39 2.55
N GLY B 88 -18.60 -5.44 3.46
CA GLY B 88 -18.35 -5.82 4.83
C GLY B 88 -17.15 -5.16 5.45
N PHE B 89 -17.18 -5.11 6.79
CA PHE B 89 -16.12 -4.55 7.62
C PHE B 89 -15.49 -5.67 8.44
N THR B 90 -14.16 -5.65 8.52
CA THR B 90 -13.40 -6.61 9.32
C THR B 90 -12.62 -5.82 10.36
N PRO B 91 -12.92 -5.96 11.65
CA PRO B 91 -12.15 -5.22 12.66
C PRO B 91 -10.77 -5.80 12.82
N THR B 92 -9.82 -4.91 13.09
CA THR B 92 -8.45 -5.34 13.40
C THR B 92 -7.96 -4.82 14.73
N HIS B 93 -8.75 -4.01 15.43
CA HIS B 93 -8.36 -3.49 16.72
C HIS B 93 -8.56 -4.54 17.79
N HIS B 94 -7.64 -4.57 18.76
CA HIS B 94 -7.79 -5.47 19.90
C HIS B 94 -8.39 -4.79 21.11
N ARG B 95 -8.13 -3.51 21.31
CA ARG B 95 -8.79 -2.75 22.35
C ARG B 95 -10.16 -2.29 21.86
N ARG B 96 -11.11 -2.18 22.80
CA ARG B 96 -12.39 -1.59 22.47
C ARG B 96 -12.18 -0.15 22.04
N LEU B 97 -12.95 0.29 21.04
CA LEU B 97 -12.85 1.66 20.57
C LEU B 97 -13.53 2.59 21.56
N SER B 98 -12.90 3.73 21.82
CA SER B 98 -13.40 4.72 22.76
C SER B 98 -14.08 5.84 21.97
N GLY B 99 -15.40 5.89 22.05
CA GLY B 99 -16.13 6.96 21.39
C GLY B 99 -16.30 6.78 19.91
N LEU B 100 -15.98 5.60 19.38
CA LEU B 100 -16.13 5.29 17.97
C LEU B 100 -16.90 3.99 17.83
N TRP B 101 -17.66 3.86 16.74
CA TRP B 101 -18.40 2.65 16.46
C TRP B 101 -18.59 2.55 14.96
N VAL B 102 -18.24 1.40 14.39
CA VAL B 102 -18.44 1.16 12.96
C VAL B 102 -19.76 0.41 12.80
N ASP B 103 -20.62 0.91 11.91
CA ASP B 103 -21.85 0.22 11.55
C ASP B 103 -21.49 -0.92 10.59
N TYR B 104 -21.62 -2.16 11.05
CA TYR B 104 -21.26 -3.31 10.22
C TYR B 104 -22.13 -3.45 8.99
N GLN B 105 -23.31 -2.82 8.96
CA GLN B 105 -24.17 -2.91 7.78
C GLN B 105 -23.73 -1.99 6.65
N THR B 106 -23.02 -0.90 6.95
CA THR B 106 -22.66 0.09 5.94
C THR B 106 -21.17 0.38 5.87
N GLY B 107 -20.40 0.10 6.91
CA GLY B 107 -19.02 0.50 6.97
C GLY B 107 -18.81 1.94 7.37
N TYR B 108 -19.89 2.66 7.69
CA TYR B 108 -19.77 4.04 8.13
C TYR B 108 -19.26 4.08 9.57
N LEU B 109 -18.51 5.14 9.87
CA LEU B 109 -17.90 5.30 11.18
C LEU B 109 -18.67 6.36 11.97
N TYR B 110 -19.25 5.94 13.09
CA TYR B 110 -19.90 6.87 14.03
C TYR B 110 -18.84 7.40 14.99
N VAL B 111 -18.78 8.72 15.13
CA VAL B 111 -17.83 9.39 16.01
C VAL B 111 -18.64 10.12 17.06
N TYR B 112 -18.63 9.63 18.29
CA TYR B 112 -19.33 10.29 19.38
C TYR B 112 -18.54 11.53 19.80
N PRO B 113 -19.21 12.54 20.35
CA PRO B 113 -18.52 13.83 20.57
C PRO B 113 -17.33 13.76 21.51
N ASN B 114 -17.29 12.80 22.43
CA ASN B 114 -16.18 12.69 23.37
C ASN B 114 -15.00 11.91 22.81
N ALA B 115 -15.10 11.37 21.59
CA ALA B 115 -13.95 10.67 21.01
C ALA B 115 -12.81 11.63 20.76
N THR B 116 -13.12 12.82 20.24
CA THR B 116 -12.14 13.85 19.93
C THR B 116 -12.88 15.11 19.50
N LYS B 117 -12.24 16.27 19.69
CA LYS B 117 -12.84 17.50 19.21
C LYS B 117 -12.54 17.77 17.74
N LYS B 118 -11.54 17.10 17.18
CA LYS B 118 -11.09 17.32 15.80
C LYS B 118 -11.05 16.01 15.04
N PRO B 119 -12.21 15.39 14.80
CA PRO B 119 -12.20 14.10 14.08
C PRO B 119 -11.65 14.24 12.67
N GLU B 120 -11.95 15.34 12.00
CA GLU B 120 -11.53 15.55 10.62
C GLU B 120 -10.01 15.64 10.49
N LYS B 121 -9.30 15.92 11.57
CA LYS B 121 -7.84 15.98 11.55
C LYS B 121 -7.16 14.69 12.00
N GLU B 122 -7.86 13.83 12.74
CA GLU B 122 -7.26 12.64 13.33
C GLU B 122 -7.72 11.34 12.69
N ILE B 123 -8.73 11.38 11.84
CA ILE B 123 -9.34 10.18 11.26
C ILE B 123 -9.46 10.37 9.76
N TYR B 124 -9.23 9.30 9.01
CA TYR B 124 -9.54 9.28 7.58
C TYR B 124 -9.70 7.82 7.16
N CYS B 125 -10.23 7.63 5.96
CA CYS B 125 -10.26 6.31 5.34
C CYS B 125 -9.23 6.27 4.21
N THR B 126 -8.39 5.25 4.19
CA THR B 126 -7.51 5.02 3.04
C THR B 126 -8.28 4.16 2.06
N LEU B 127 -8.73 4.76 0.97
CA LEU B 127 -9.54 4.07 -0.03
C LEU B 127 -8.66 3.77 -1.24
N THR B 128 -8.52 2.49 -1.56
CA THR B 128 -7.74 2.02 -2.69
C THR B 128 -8.71 1.43 -3.70
N ILE B 129 -8.71 1.94 -4.94
CA ILE B 129 -9.49 1.36 -6.02
C ILE B 129 -8.55 0.74 -7.02
N CYS B 130 -8.79 -0.51 -7.39
CA CYS B 130 -8.00 -1.19 -8.40
C CYS B 130 -8.92 -1.59 -9.54
N ILE B 131 -8.57 -1.18 -10.76
CA ILE B 131 -9.38 -1.46 -11.95
C ILE B 131 -8.95 -2.82 -12.48
N THR B 132 -9.89 -3.77 -12.51
CA THR B 132 -9.54 -5.16 -12.78
C THR B 132 -8.93 -5.33 -14.17
N ALA B 133 -7.82 -6.08 -14.23
CA ALA B 133 -7.14 -6.33 -15.50
C ALA B 133 -8.06 -7.04 -16.48
N ILE B 134 -7.80 -6.81 -17.75
CA ILE B 134 -8.51 -7.47 -18.84
C ILE B 134 -7.61 -8.53 -19.45
N THR B 135 -8.21 -9.66 -19.82
CA THR B 135 -7.48 -10.82 -20.30
C THR B 135 -7.19 -10.67 -21.79
N THR B 136 -5.90 -10.60 -22.13
CA THR B 136 -5.46 -10.42 -23.51
C THR B 136 -4.27 -11.34 -23.75
N ARG B 137 -3.86 -11.43 -25.02
CA ARG B 137 -2.75 -12.27 -25.41
C ARG B 137 -1.45 -11.50 -25.32
N ARG B 138 -0.36 -12.24 -25.07
CA ARG B 138 0.97 -11.66 -24.99
C ARG B 138 1.37 -10.98 -26.29
O5 A2G C . -3.18 -6.68 -24.03
C1 A2G C . -3.03 -8.00 -23.47
C2 A2G C . -1.93 -7.99 -22.43
N2 A2G C . -1.85 -9.31 -21.80
C3 A2G C . -2.26 -6.97 -21.37
O3 A2G C . -1.18 -6.91 -20.43
C4 A2G C . -2.46 -5.60 -22.00
O4 A2G C . -1.24 -5.17 -22.65
C5 A2G C . -3.57 -5.71 -23.04
C6 A2G C . -3.80 -4.36 -23.69
O6 A2G C . -4.95 -4.44 -24.53
C7 A2G C . -0.75 -10.06 -21.84
O7 A2G C . 0.28 -9.73 -22.42
C8 A2G C . -0.85 -11.41 -21.11
C1 GAL C . -1.71 -7.09 -19.11
C2 GAL C . -0.54 -7.10 -18.14
C3 GAL C . -1.04 -7.21 -16.70
C4 GAL C . -2.07 -6.09 -16.41
C5 GAL C . -3.15 -6.12 -17.47
C6 GAL C . -4.17 -4.97 -17.40
O2 GAL C . 0.32 -8.22 -18.38
O3 GAL C . 0.04 -7.08 -15.78
O4 GAL C . -1.43 -4.82 -16.44
O5 GAL C . -2.59 -6.02 -18.78
O6 GAL C . -5.35 -5.25 -18.20
C1 NAG D . -26.77 9.82 18.59
C2 NAG D . -26.30 8.56 19.31
C3 NAG D . -26.13 7.45 18.28
C4 NAG D . -27.43 7.22 17.51
C5 NAG D . -27.91 8.55 16.92
C6 NAG D . -29.28 8.45 16.28
C7 NAG D . -24.85 8.60 21.28
C8 NAG D . -23.48 8.91 21.81
N2 NAG D . -25.05 8.82 19.98
O3 NAG D . -25.72 6.27 18.97
O4 NAG D . -27.24 6.35 16.41
O5 NAG D . -28.00 9.53 17.96
O6 NAG D . -30.24 7.95 17.19
O7 NAG D . -25.74 8.14 21.99
C1 NAG D . -27.52 4.97 16.66
C2 NAG D . -27.98 4.29 15.38
C3 NAG D . -28.26 2.82 15.70
C4 NAG D . -27.11 2.13 16.41
C5 NAG D . -26.53 2.99 17.55
C6 NAG D . -25.19 2.50 18.04
C7 NAG D . -29.23 5.69 13.77
C8 NAG D . -30.57 6.27 13.42
N2 NAG D . -29.18 4.94 14.89
O3 NAG D . -28.53 2.16 14.47
O4 NAG D . -27.61 0.96 17.06
O5 NAG D . -26.33 4.34 17.09
O6 NAG D . -24.66 3.36 19.05
O7 NAG D . -28.23 5.90 13.07
C1 BMA D . -27.07 -0.29 16.61
C2 BMA D . -27.48 -1.33 17.65
C3 BMA D . -27.12 -2.74 17.21
C4 BMA D . -27.62 -3.00 15.80
C5 BMA D . -27.16 -1.91 14.84
C6 BMA D . -27.81 -2.04 13.49
O2 BMA D . -28.89 -1.26 17.86
O3 BMA D . -27.73 -3.66 18.09
O4 BMA D . -27.14 -4.26 15.35
O5 BMA D . -27.59 -0.63 15.35
O6 BMA D . -29.22 -2.12 13.64
C1 MAN D . -26.82 -4.22 19.07
C2 MAN D . -27.42 -5.55 19.51
C3 MAN D . -28.75 -5.29 20.18
C4 MAN D . -28.54 -4.38 21.38
C5 MAN D . -27.82 -3.06 20.98
C6 MAN D . -27.35 -2.29 22.20
O2 MAN D . -26.64 -6.17 20.55
O3 MAN D . -29.36 -6.51 20.60
O4 MAN D . -29.80 -4.07 21.95
O5 MAN D . -26.64 -3.34 20.17
O6 MAN D . -26.46 -1.26 21.77
C1 MAN D . -25.46 -6.77 19.98
C2 MAN D . -25.18 -8.04 20.80
C3 MAN D . -24.84 -7.65 22.23
C4 MAN D . -23.70 -6.62 22.26
C5 MAN D . -24.07 -5.41 21.39
C6 MAN D . -22.94 -4.40 21.28
O2 MAN D . -24.04 -8.72 20.29
O3 MAN D . -24.51 -8.80 23.03
O4 MAN D . -23.45 -6.19 23.60
O5 MAN D . -24.37 -5.88 20.06
O6 MAN D . -21.72 -5.12 21.17
C1 MAN D . -29.93 -2.29 12.40
C2 MAN D . -31.41 -2.04 12.76
C3 MAN D . -31.85 -3.12 13.74
C4 MAN D . -31.64 -4.50 13.13
C5 MAN D . -30.16 -4.67 12.73
C6 MAN D . -29.92 -5.96 11.95
O2 MAN D . -32.25 -2.19 11.62
O3 MAN D . -33.21 -2.96 14.14
O4 MAN D . -31.99 -5.50 14.08
O5 MAN D . -29.74 -3.57 11.87
O6 MAN D . -30.48 -5.79 10.65
C1 MAN D . -33.29 -2.04 15.24
C2 MAN D . -34.15 -2.69 16.34
C3 MAN D . -35.59 -2.88 15.83
C4 MAN D . -36.15 -1.59 15.17
C5 MAN D . -35.14 -1.00 14.16
C6 MAN D . -35.55 0.35 13.62
O2 MAN D . -34.27 -1.84 17.49
O3 MAN D . -36.46 -3.30 16.87
O4 MAN D . -37.36 -1.89 14.49
O5 MAN D . -33.86 -0.84 14.81
O6 MAN D . -34.37 1.08 13.28
C1 NAG E . -5.61 11.01 18.54
C2 NAG E . -6.86 10.83 19.39
C3 NAG E . -7.08 12.05 20.30
C4 NAG E . -5.82 12.38 21.08
C5 NAG E . -4.65 12.56 20.12
C6 NAG E . -3.33 12.82 20.81
C7 NAG E . -8.80 9.53 18.60
C8 NAG E . -10.08 9.61 17.83
N2 NAG E . -8.02 10.62 18.54
O3 NAG E . -8.16 11.78 21.17
O4 NAG E . -5.99 13.58 21.81
O5 NAG E . -4.49 11.37 19.35
O6 NAG E . -2.93 11.69 21.59
O7 NAG E . -8.47 8.54 19.25
C1 NAG E . -6.12 13.33 23.23
C2 NAG E . -5.66 14.57 23.99
C3 NAG E . -5.85 14.36 25.50
C4 NAG E . -7.27 13.91 25.81
C5 NAG E . -7.62 12.69 24.96
C6 NAG E . -9.06 12.23 25.14
C7 NAG E . -3.87 15.74 22.80
C8 NAG E . -2.39 15.85 22.59
N2 NAG E . -4.27 14.82 23.68
O3 NAG E . -5.57 15.58 26.17
O4 NAG E . -7.38 13.57 27.18
O5 NAG E . -7.46 13.02 23.58
O6 NAG E . -9.16 11.18 26.09
O7 NAG E . -4.66 16.45 22.19
S SO4 F . 3.03 3.21 6.49
O1 SO4 F . 2.94 3.52 7.91
O2 SO4 F . 3.66 4.32 5.79
O3 SO4 F . 3.82 2.00 6.30
O4 SO4 F . 1.69 3.00 5.96
C1 NAG G . -31.67 8.18 -12.32
C2 NAG G . -32.14 8.75 -10.99
C3 NAG G . -33.53 9.41 -11.04
C4 NAG G . -33.72 10.22 -12.32
C5 NAG G . -33.41 9.33 -13.52
C6 NAG G . -33.62 10.02 -14.84
C7 NAG G . -31.21 7.41 -9.17
C8 NAG G . -31.35 6.15 -8.37
N2 NAG G . -32.15 7.62 -10.09
O3 NAG G . -33.68 10.26 -9.91
O4 NAG G . -35.06 10.68 -12.41
O5 NAG G . -32.02 8.96 -13.46
O6 NAG G . -32.90 11.24 -14.94
O7 NAG G . -30.28 8.19 -9.00
C1 NAG H . -16.99 8.38 25.42
C2 NAG H . -16.50 7.69 26.69
C3 NAG H . -16.56 6.20 26.39
C4 NAG H . -18.01 5.81 26.09
C5 NAG H . -18.53 6.64 24.93
C6 NAG H . -20.00 6.43 24.63
C7 NAG H . -14.12 8.41 26.47
C8 NAG H . -12.94 8.94 27.22
N2 NAG H . -15.20 8.08 27.21
O3 NAG H . -16.08 5.47 27.52
O4 NAG H . -18.09 4.43 25.75
O5 NAG H . -18.36 8.04 25.22
O6 NAG H . -20.83 6.76 25.75
O7 NAG H . -14.10 8.27 25.25
S SO4 I . -16.92 7.08 -19.73
O1 SO4 I . -15.84 8.01 -19.42
O2 SO4 I . -18.06 7.31 -18.86
O3 SO4 I . -16.48 5.70 -19.60
O4 SO4 I . -17.36 7.30 -21.12
N CYS J . -0.67 3.62 7.17
CA CYS J . -2.13 3.54 7.13
C CYS J . -2.66 4.46 6.05
O CYS J . -2.44 5.69 6.07
CB CYS J . -2.67 3.95 8.49
SG CYS J . -4.35 3.52 9.00
OXT CYS J . -3.31 4.01 5.12
#